data_2Q7A
#
_entry.id   2Q7A
#
_cell.length_a   82.317
_cell.length_b   82.317
_cell.length_c   106.054
_cell.angle_alpha   90.000
_cell.angle_beta   90.000
_cell.angle_gamma   120.000
#
_symmetry.space_group_name_H-M   'P 65'
#
loop_
_entity.id
_entity.type
_entity.pdbx_description
1 polymer 'Cell surface heme-binding protein'
2 non-polymer 'PROTOPORPHYRIN IX CONTAINING FE'
3 non-polymer GLYCEROL
4 water water
#
_entity_poly.entity_id   1
_entity_poly.type   'polypeptide(L)'
_entity_poly.pdbx_seq_one_letter_code
;MDKGQIYGSIIQRNYRHPISGQIEDSGGEHSFDIGQGMVEGTVYSDAMLEVSDAGKIVLTFRMSLADYSGNYQFWIQPGG
TGSFQAVDYNITQKGTDTNGTTLDIAISLPTVNSIIRGSMFVEPMGREVVFYLSASELIQKYSGNMLAQLVT
;
_entity_poly.pdbx_strand_id   A,B
#
# COMPACT_ATOMS: atom_id res chain seq x y z
N MET A 1 -38.90 2.20 -11.28
CA MET A 1 -37.79 1.71 -12.17
C MET A 1 -38.27 1.49 -13.60
N ASP A 2 -37.36 1.71 -14.55
CA ASP A 2 -37.75 1.89 -15.95
C ASP A 2 -37.21 0.82 -16.90
N LYS A 3 -37.88 0.66 -18.04
CA LYS A 3 -37.39 -0.21 -19.10
C LYS A 3 -36.09 0.39 -19.65
N GLY A 4 -35.14 -0.47 -19.98
CA GLY A 4 -33.89 -0.02 -20.57
C GLY A 4 -32.83 -1.11 -20.65
N GLN A 5 -31.58 -0.67 -20.58
CA GLN A 5 -30.45 -1.56 -20.75
C GLN A 5 -29.47 -1.41 -19.58
N ILE A 6 -28.89 -2.54 -19.17
CA ILE A 6 -27.84 -2.53 -18.17
C ILE A 6 -26.57 -3.05 -18.82
N TYR A 7 -25.58 -2.18 -18.96
CA TYR A 7 -24.31 -2.57 -19.56
C TYR A 7 -23.24 -2.82 -18.50
N GLY A 8 -22.33 -3.73 -18.80
CA GLY A 8 -21.02 -3.72 -18.17
C GLY A 8 -20.21 -2.62 -18.83
N SER A 9 -19.38 -1.94 -18.04
CA SER A 9 -18.52 -0.89 -18.58
C SER A 9 -17.11 -1.02 -18.00
N ILE A 10 -16.12 -0.55 -18.76
CA ILE A 10 -14.77 -0.42 -18.24
C ILE A 10 -14.55 1.04 -17.88
N ILE A 11 -14.11 1.28 -16.66
CA ILE A 11 -13.80 2.63 -16.23
C ILE A 11 -12.37 2.98 -16.66
N GLN A 12 -12.23 4.09 -17.39
CA GLN A 12 -10.92 4.71 -17.59
C GLN A 12 -10.58 5.53 -16.35
N ARG A 13 -9.50 5.13 -15.67
CA ARG A 13 -9.06 5.79 -14.43
C ARG A 13 -7.87 6.69 -14.74
N ASN A 14 -7.98 7.97 -14.41
CA ASN A 14 -6.94 8.93 -14.78
C ASN A 14 -6.44 9.85 -13.68
N TYR A 15 -5.12 9.86 -13.51
CA TYR A 15 -4.44 10.85 -12.70
C TYR A 15 -4.31 12.15 -13.51
N ARG A 16 -4.14 12.01 -14.81
CA ARG A 16 -4.05 13.13 -15.73
C ARG A 16 -5.32 13.21 -16.57
N HIS A 17 -5.94 14.38 -16.60
CA HIS A 17 -7.15 14.60 -17.37
C HIS A 17 -6.89 14.21 -18.83
N PRO A 18 -7.73 13.33 -19.39
CA PRO A 18 -7.46 12.80 -20.73
C PRO A 18 -7.68 13.80 -21.88
N ILE A 19 -8.28 14.95 -21.62
CA ILE A 19 -8.57 15.93 -22.67
C ILE A 19 -7.64 17.13 -22.55
N SER A 20 -7.49 17.63 -21.33
CA SER A 20 -6.68 18.82 -21.09
C SER A 20 -5.22 18.48 -20.86
N GLY A 21 -4.96 17.23 -20.48
CA GLY A 21 -3.59 16.81 -20.12
C GLY A 21 -3.08 17.38 -18.80
N GLN A 22 -3.98 17.94 -18.00
CA GLN A 22 -3.58 18.54 -16.75
C GLN A 22 -3.87 17.62 -15.57
N ILE A 23 -2.94 17.62 -14.61
CA ILE A 23 -3.10 16.93 -13.34
C ILE A 23 -3.53 17.96 -12.28
N GLU A 24 -4.66 17.72 -11.62
CA GLU A 24 -5.16 18.63 -10.58
C GLU A 24 -4.67 18.25 -9.19
N ASP A 25 -4.38 16.97 -9.00
CA ASP A 25 -3.83 16.49 -7.74
C ASP A 25 -2.53 17.21 -7.41
N SER A 26 -2.34 17.54 -6.13
CA SER A 26 -1.18 18.34 -5.70
C SER A 26 0.16 17.63 -5.98
N GLY A 27 0.12 16.35 -6.29
CA GLY A 27 1.33 15.59 -6.65
C GLY A 27 1.97 16.06 -7.94
N GLY A 28 1.14 16.55 -8.87
CA GLY A 28 1.64 17.16 -10.11
C GLY A 28 2.38 16.22 -11.04
N GLU A 29 3.08 16.81 -12.01
CA GLU A 29 3.72 16.06 -13.11
C GLU A 29 4.75 15.06 -12.62
N HIS A 30 5.57 15.49 -11.65
CA HIS A 30 6.67 14.67 -11.16
C HIS A 30 6.22 13.42 -10.42
N SER A 31 4.90 13.32 -10.19
CA SER A 31 4.34 12.21 -9.43
C SER A 31 3.39 11.36 -10.28
N PHE A 32 3.49 11.48 -11.60
CA PHE A 32 2.53 10.83 -12.47
C PHE A 32 2.44 9.31 -12.27
N ASP A 33 3.61 8.65 -12.20
CA ASP A 33 3.64 7.20 -12.11
C ASP A 33 2.98 6.68 -10.82
N ILE A 34 3.35 7.26 -9.69
CA ILE A 34 2.72 6.86 -8.42
C ILE A 34 1.24 7.25 -8.38
N GLY A 35 0.91 8.46 -8.85
CA GLY A 35 -0.48 8.92 -8.91
C GLY A 35 -1.40 8.04 -9.76
N GLN A 36 -0.95 7.68 -10.95
CA GLN A 36 -1.71 6.81 -11.86
C GLN A 36 -1.95 5.42 -11.25
N GLY A 37 -0.90 4.83 -10.68
CA GLY A 37 -1.03 3.57 -9.95
C GLY A 37 -2.00 3.67 -8.78
N MET A 38 -1.98 4.82 -8.11
CA MET A 38 -2.86 5.03 -6.96
C MET A 38 -4.33 5.05 -7.36
N VAL A 39 -4.64 5.78 -8.44
CA VAL A 39 -6.00 5.79 -8.96
C VAL A 39 -6.44 4.39 -9.38
N GLU A 40 -5.54 3.66 -10.05
CA GLU A 40 -5.82 2.31 -10.52
C GLU A 40 -6.02 1.36 -9.33
N GLY A 41 -5.20 1.50 -8.30
CA GLY A 41 -5.31 0.68 -7.10
C GLY A 41 -6.55 0.98 -6.27
N THR A 42 -7.15 2.16 -6.45
CA THR A 42 -8.29 2.59 -5.64
C THR A 42 -9.64 2.29 -6.28
N VAL A 43 -9.72 2.48 -7.60
CA VAL A 43 -10.98 2.35 -8.33
C VAL A 43 -10.92 1.12 -9.23
N TYR A 44 -11.91 0.23 -9.08
CA TYR A 44 -12.02 -0.97 -9.90
C TYR A 44 -12.32 -0.60 -11.36
N SER A 45 -11.77 -1.35 -12.31
CA SER A 45 -12.03 -1.06 -13.72
C SER A 45 -13.43 -1.50 -14.17
N ASP A 46 -13.96 -2.56 -13.56
CA ASP A 46 -15.27 -3.06 -13.95
C ASP A 46 -16.41 -2.28 -13.27
N ALA A 47 -17.36 -1.85 -14.08
CA ALA A 47 -18.45 -1.00 -13.58
C ALA A 47 -19.77 -1.36 -14.25
N MET A 48 -20.82 -0.65 -13.87
CA MET A 48 -22.15 -0.88 -14.42
C MET A 48 -22.71 0.42 -14.98
N LEU A 49 -23.27 0.35 -16.18
CA LEU A 49 -23.91 1.50 -16.80
C LEU A 49 -25.35 1.19 -17.13
N GLU A 50 -26.26 1.90 -16.46
CA GLU A 50 -27.68 1.75 -16.69
C GLU A 50 -28.19 2.87 -17.58
N VAL A 51 -28.94 2.50 -18.63
CA VAL A 51 -29.53 3.46 -19.55
C VAL A 51 -30.99 3.10 -19.72
N SER A 52 -31.88 3.96 -19.23
CA SER A 52 -33.31 3.75 -19.43
C SER A 52 -33.67 4.15 -20.85
N ASP A 53 -34.69 3.51 -21.41
CA ASP A 53 -35.19 3.85 -22.75
C ASP A 53 -35.57 5.32 -22.83
N ALA A 54 -36.10 5.86 -21.72
CA ALA A 54 -36.41 7.29 -21.58
C ALA A 54 -35.20 8.22 -21.66
N GLY A 55 -34.00 7.66 -21.45
CA GLY A 55 -32.77 8.42 -21.61
C GLY A 55 -31.99 8.74 -20.34
N LYS A 56 -32.47 8.31 -19.19
CA LYS A 56 -31.74 8.47 -17.94
C LYS A 56 -30.55 7.51 -17.87
N ILE A 57 -29.43 7.99 -17.32
CA ILE A 57 -28.20 7.21 -17.23
C ILE A 57 -27.68 7.21 -15.79
N VAL A 58 -27.33 6.02 -15.27
CA VAL A 58 -26.64 5.93 -13.98
C VAL A 58 -25.40 5.06 -14.12
N LEU A 59 -24.26 5.61 -13.73
CA LEU A 59 -23.00 4.86 -13.71
C LEU A 59 -22.68 4.45 -12.27
N THR A 60 -22.45 3.16 -12.05
CA THR A 60 -21.96 2.68 -10.75
C THR A 60 -20.53 2.17 -10.86
N PHE A 61 -19.64 2.75 -10.05
CA PHE A 61 -18.27 2.25 -9.95
C PHE A 61 -17.96 1.85 -8.49
N ARG A 62 -16.93 1.03 -8.34
CA ARG A 62 -16.55 0.49 -7.05
C ARG A 62 -15.21 1.06 -6.58
N MET A 63 -15.20 1.58 -5.35
CA MET A 63 -14.01 2.11 -4.72
C MET A 63 -13.44 1.15 -3.66
N SER A 64 -12.16 0.80 -3.80
CA SER A 64 -11.45 0.10 -2.75
C SER A 64 -10.93 1.12 -1.71
N LEU A 65 -10.38 0.62 -0.60
CA LEU A 65 -9.65 1.43 0.38
C LEU A 65 -10.49 2.47 1.11
N ALA A 66 -11.79 2.23 1.22
CA ALA A 66 -12.70 3.18 1.85
C ALA A 66 -12.46 3.35 3.35
N ASP A 67 -11.81 2.36 3.98
CA ASP A 67 -11.41 2.47 5.39
C ASP A 67 -10.31 3.52 5.58
N TYR A 68 -9.70 3.96 4.48
CA TYR A 68 -8.56 4.86 4.53
C TYR A 68 -8.83 6.25 3.94
N SER A 69 -10.07 6.47 3.52
CA SER A 69 -10.42 7.68 2.78
C SER A 69 -11.80 8.19 3.21
N GLY A 70 -12.13 9.39 2.75
CA GLY A 70 -13.45 9.95 3.07
C GLY A 70 -13.64 11.35 2.51
N ASN A 71 -14.75 11.97 2.88
CA ASN A 71 -15.18 13.26 2.34
C ASN A 71 -15.26 13.25 0.82
N TYR A 72 -15.88 12.20 0.27
CA TYR A 72 -16.00 12.03 -1.18
C TYR A 72 -16.83 13.16 -1.77
N GLN A 73 -16.35 13.73 -2.87
CA GLN A 73 -17.11 14.70 -3.64
C GLN A 73 -16.89 14.42 -5.11
N PHE A 74 -17.94 14.65 -5.90
CA PHE A 74 -17.90 14.40 -7.33
C PHE A 74 -18.47 15.56 -8.14
N TRP A 75 -17.93 15.70 -9.36
CA TRP A 75 -18.37 16.68 -10.33
C TRP A 75 -18.49 15.98 -11.69
N ILE A 76 -19.36 16.49 -12.55
CA ILE A 76 -19.51 15.99 -13.92
C ILE A 76 -19.04 17.03 -14.92
N GLN A 77 -18.47 16.57 -16.03
CA GLN A 77 -17.97 17.44 -17.09
C GLN A 77 -18.32 16.82 -18.45
N PRO A 78 -19.50 17.14 -18.99
CA PRO A 78 -19.89 16.59 -20.29
C PRO A 78 -18.88 16.90 -21.39
N GLY A 79 -18.54 15.90 -22.20
CA GLY A 79 -17.58 16.07 -23.29
C GLY A 79 -16.15 16.14 -22.82
N GLY A 80 -15.94 16.10 -21.50
CA GLY A 80 -14.61 16.27 -20.94
C GLY A 80 -14.03 17.67 -21.18
N THR A 81 -14.91 18.64 -21.42
CA THR A 81 -14.51 20.04 -21.60
C THR A 81 -15.45 20.94 -20.80
N GLY A 82 -14.98 22.15 -20.52
CA GLY A 82 -15.82 23.14 -19.87
C GLY A 82 -15.80 22.95 -18.36
N SER A 83 -16.78 23.55 -17.70
CA SER A 83 -16.84 23.57 -16.23
C SER A 83 -17.19 22.23 -15.60
N PHE A 84 -16.64 21.99 -14.42
CA PHE A 84 -17.04 20.88 -13.57
C PHE A 84 -18.30 21.25 -12.79
N GLN A 85 -19.32 20.42 -12.91
CA GLN A 85 -20.60 20.67 -12.25
C GLN A 85 -20.75 19.72 -11.08
N ALA A 86 -20.92 20.26 -9.88
CA ALA A 86 -21.10 19.44 -8.67
C ALA A 86 -22.28 18.48 -8.84
N VAL A 87 -22.13 17.25 -8.39
CA VAL A 87 -23.18 16.26 -8.57
C VAL A 87 -23.34 15.40 -7.31
N ASP A 88 -24.57 14.98 -7.04
CA ASP A 88 -24.85 14.08 -5.94
C ASP A 88 -24.39 12.67 -6.27
N TYR A 89 -24.16 11.87 -5.24
CA TYR A 89 -23.88 10.45 -5.41
C TYR A 89 -24.62 9.67 -4.34
N ASN A 90 -24.81 8.39 -4.59
CA ASN A 90 -25.35 7.46 -3.62
C ASN A 90 -24.48 6.22 -3.51
N ILE A 91 -24.23 5.79 -2.28
CA ILE A 91 -23.61 4.50 -2.04
C ILE A 91 -24.73 3.46 -2.09
N THR A 92 -24.72 2.64 -3.13
CA THR A 92 -25.80 1.69 -3.35
C THR A 92 -25.49 0.31 -2.78
N GLN A 93 -24.25 0.09 -2.36
CA GLN A 93 -23.84 -1.19 -1.79
C GLN A 93 -22.48 -0.99 -1.16
N LYS A 94 -22.23 -1.78 -0.13
CA LYS A 94 -20.91 -1.91 0.49
C LYS A 94 -20.45 -3.35 0.36
N GLY A 95 -19.15 -3.54 0.26
CA GLY A 95 -18.57 -4.86 0.20
C GLY A 95 -17.23 -4.91 0.91
N THR A 96 -16.42 -5.90 0.56
CA THR A 96 -15.15 -6.13 1.23
C THR A 96 -14.17 -6.69 0.22
N ASP A 97 -12.94 -6.19 0.27
CA ASP A 97 -11.83 -6.85 -0.39
C ASP A 97 -10.64 -7.00 0.58
N THR A 98 -9.46 -7.33 0.06
CA THR A 98 -8.30 -7.56 0.92
C THR A 98 -7.86 -6.31 1.70
N ASN A 99 -8.39 -5.14 1.31
CA ASN A 99 -8.07 -3.89 1.98
C ASN A 99 -9.16 -3.36 2.90
N GLY A 100 -10.24 -4.12 3.07
CA GLY A 100 -11.35 -3.72 3.92
C GLY A 100 -12.55 -3.29 3.10
N THR A 101 -13.25 -2.28 3.61
CA THR A 101 -14.51 -1.83 3.00
C THR A 101 -14.33 -1.38 1.57
N THR A 102 -15.28 -1.80 0.72
CA THR A 102 -15.47 -1.22 -0.61
C THR A 102 -16.84 -0.55 -0.69
N LEU A 103 -16.96 0.45 -1.56
CA LEU A 103 -18.21 1.19 -1.75
C LEU A 103 -18.58 1.25 -3.23
N ASP A 104 -19.85 0.95 -3.53
CA ASP A 104 -20.42 1.13 -4.87
C ASP A 104 -21.06 2.51 -4.93
N ILE A 105 -20.55 3.33 -5.84
CA ILE A 105 -20.96 4.72 -5.93
C ILE A 105 -21.73 4.94 -7.25
N ALA A 106 -22.97 5.38 -7.11
CA ALA A 106 -23.85 5.60 -8.25
C ALA A 106 -23.96 7.10 -8.48
N ILE A 107 -23.78 7.48 -9.74
CA ILE A 107 -23.84 8.87 -10.17
C ILE A 107 -24.66 8.96 -11.47
N SER A 108 -25.65 9.86 -11.48
CA SER A 108 -26.43 10.15 -12.68
C SER A 108 -25.63 11.02 -13.64
N LEU A 109 -25.63 10.64 -14.91
CA LEU A 109 -24.92 11.39 -15.94
C LEU A 109 -25.90 11.98 -16.96
N PRO A 110 -25.60 13.19 -17.48
CA PRO A 110 -26.39 13.73 -18.58
C PRO A 110 -26.13 12.97 -19.88
N THR A 111 -24.93 12.43 -20.01
CA THR A 111 -24.51 11.61 -21.16
C THR A 111 -23.35 10.68 -20.75
N VAL A 112 -23.17 9.58 -21.48
CA VAL A 112 -22.04 8.67 -21.24
C VAL A 112 -20.74 9.39 -21.62
N ASN A 113 -20.88 10.32 -22.55
CA ASN A 113 -19.80 11.20 -22.97
C ASN A 113 -19.51 12.24 -21.91
N SER A 114 -18.98 11.78 -20.78
CA SER A 114 -18.78 12.61 -19.59
C SER A 114 -17.56 12.20 -18.80
N ILE A 115 -16.83 13.20 -18.31
CA ILE A 115 -15.80 12.99 -17.30
C ILE A 115 -16.40 13.14 -15.91
N ILE A 116 -16.04 12.23 -15.00
CA ILE A 116 -16.33 12.39 -13.57
C ILE A 116 -15.03 12.79 -12.88
N ARG A 117 -15.05 13.94 -12.21
CA ARG A 117 -13.97 14.36 -11.34
C ARG A 117 -14.30 13.91 -9.92
N GLY A 118 -13.34 13.29 -9.25
CA GLY A 118 -13.53 12.95 -7.84
C GLY A 118 -12.45 13.57 -6.97
N SER A 119 -12.83 13.94 -5.76
CA SER A 119 -11.83 14.26 -4.75
C SER A 119 -12.20 13.62 -3.41
N MET A 120 -11.19 13.35 -2.58
CA MET A 120 -11.39 12.77 -1.26
C MET A 120 -10.14 12.99 -0.42
N PHE A 121 -10.28 12.90 0.89
CA PHE A 121 -9.15 12.92 1.80
C PHE A 121 -8.67 11.50 2.00
N VAL A 122 -7.35 11.31 1.94
CA VAL A 122 -6.73 10.02 2.21
C VAL A 122 -5.89 10.10 3.48
N GLU A 123 -6.34 9.40 4.51
CA GLU A 123 -5.73 9.46 5.86
C GLU A 123 -4.21 9.17 5.90
N PRO A 124 -3.77 8.01 5.38
CA PRO A 124 -2.31 7.78 5.43
C PRO A 124 -1.45 8.74 4.61
N MET A 125 -2.05 9.40 3.61
CA MET A 125 -1.34 10.40 2.80
C MET A 125 -1.30 11.77 3.47
N GLY A 126 -2.21 12.00 4.41
CA GLY A 126 -2.35 13.28 5.11
C GLY A 126 -2.74 14.42 4.20
N ARG A 127 -3.43 14.10 3.10
CA ARG A 127 -3.86 15.13 2.13
C ARG A 127 -5.00 14.62 1.25
N GLU A 128 -5.68 15.56 0.60
CA GLU A 128 -6.72 15.24 -0.37
C GLU A 128 -6.11 14.96 -1.75
N VAL A 129 -6.83 14.16 -2.53
CA VAL A 129 -6.39 13.77 -3.87
C VAL A 129 -7.51 14.10 -4.86
N VAL A 130 -7.15 14.22 -6.14
CA VAL A 130 -8.10 14.55 -7.20
C VAL A 130 -7.78 13.63 -8.38
N PHE A 131 -8.81 12.97 -8.91
CA PHE A 131 -8.67 12.03 -10.02
C PHE A 131 -9.88 12.12 -10.96
N TYR A 132 -9.78 11.44 -12.13
CA TYR A 132 -10.84 11.46 -13.13
C TYR A 132 -11.26 10.06 -13.54
N LEU A 133 -12.56 9.87 -13.76
CA LEU A 133 -13.13 8.60 -14.22
C LEU A 133 -14.06 8.84 -15.40
N SER A 134 -14.15 7.87 -16.30
CA SER A 134 -15.16 7.90 -17.36
C SER A 134 -15.44 6.49 -17.84
N ALA A 135 -16.66 6.30 -18.36
CA ALA A 135 -17.13 4.99 -18.78
C ALA A 135 -16.89 4.76 -20.27
N SER A 136 -16.36 3.59 -20.61
CA SER A 136 -16.23 3.16 -22.01
C SER A 136 -16.43 1.65 -22.18
N GLU A 137 -16.08 1.15 -23.37
CA GLU A 137 -16.06 -0.29 -23.67
C GLU A 137 -17.28 -1.02 -23.12
N LEU A 138 -18.46 -0.65 -23.62
CA LEU A 138 -19.70 -1.23 -23.14
C LEU A 138 -19.85 -2.71 -23.50
N ILE A 139 -20.32 -3.47 -22.52
CA ILE A 139 -20.56 -4.90 -22.67
C ILE A 139 -22.08 -5.06 -22.57
N GLN A 140 -22.68 -5.72 -23.58
CA GLN A 140 -24.13 -5.78 -23.71
C GLN A 140 -24.80 -6.41 -22.50
N LYS A 141 -24.17 -7.44 -21.95
CA LYS A 141 -24.68 -8.18 -20.82
C LYS A 141 -23.80 -7.89 -19.60
N TYR A 142 -24.38 -7.23 -18.60
CA TYR A 142 -23.65 -6.99 -17.36
C TYR A 142 -23.48 -8.30 -16.56
N SER A 143 -22.25 -8.54 -16.10
CA SER A 143 -21.94 -9.67 -15.23
C SER A 143 -21.19 -9.13 -14.01
N GLY A 144 -21.76 -9.37 -12.83
CA GLY A 144 -21.21 -8.79 -11.62
C GLY A 144 -22.29 -8.61 -10.58
N ASN A 145 -21.91 -8.02 -9.45
CA ASN A 145 -22.74 -7.97 -8.26
C ASN A 145 -23.19 -6.55 -7.85
N MET A 146 -23.04 -5.58 -8.74
CA MET A 146 -23.55 -4.23 -8.47
C MET A 146 -25.07 -4.23 -8.55
N LEU A 147 -25.70 -3.30 -7.82
CA LEU A 147 -27.16 -3.27 -7.74
C LEU A 147 -27.75 -2.18 -8.62
N ALA A 148 -28.63 -2.59 -9.53
CA ALA A 148 -29.27 -1.67 -10.46
C ALA A 148 -30.20 -0.70 -9.75
N GLN A 149 -30.05 0.58 -10.08
CA GLN A 149 -30.78 1.67 -9.46
C GLN A 149 -31.94 2.17 -10.31
N LEU A 150 -31.82 1.95 -11.62
CA LEU A 150 -32.66 2.63 -12.59
C LEU A 150 -33.51 1.69 -13.46
N VAL A 151 -32.87 0.70 -14.09
CA VAL A 151 -33.58 -0.13 -15.06
C VAL A 151 -33.90 -1.58 -14.58
N THR A 152 -35.05 -2.07 -15.04
CA THR A 152 -35.55 -3.42 -14.75
C THR A 152 -34.73 -4.50 -15.48
N MET B 1 22.41 -4.80 32.35
CA MET B 1 22.95 -3.64 31.58
C MET B 1 24.47 -3.56 31.72
N ASP B 2 25.15 -3.61 30.59
CA ASP B 2 26.61 -3.64 30.55
C ASP B 2 27.19 -2.38 29.92
N LYS B 3 28.44 -2.08 30.25
CA LYS B 3 29.20 -1.04 29.59
C LYS B 3 29.42 -1.43 28.12
N GLY B 4 29.38 -0.45 27.23
CA GLY B 4 29.59 -0.69 25.81
C GLY B 4 29.30 0.50 24.91
N GLN B 5 28.98 0.21 23.65
CA GLN B 5 28.67 1.24 22.67
C GLN B 5 27.28 1.06 22.08
N ILE B 6 26.58 2.19 21.86
CA ILE B 6 25.33 2.21 21.11
C ILE B 6 25.59 2.97 19.82
N TYR B 7 25.26 2.34 18.69
CA TYR B 7 25.46 2.96 17.39
C TYR B 7 24.13 3.11 16.64
N GLY B 8 24.04 4.15 15.82
CA GLY B 8 23.03 4.19 14.78
C GLY B 8 23.54 3.33 13.62
N SER B 9 22.62 2.62 12.98
CA SER B 9 22.97 1.74 11.87
C SER B 9 21.93 1.88 10.75
N ILE B 10 22.39 2.21 9.54
CA ILE B 10 21.50 2.23 8.37
C ILE B 10 21.35 0.79 7.92
N ILE B 11 20.26 0.18 8.36
CA ILE B 11 20.08 -1.25 8.16
C ILE B 11 19.98 -1.58 6.68
N GLN B 12 20.68 -2.64 6.27
CA GLN B 12 20.60 -3.13 4.91
CA GLN B 12 20.62 -3.16 4.91
C GLN B 12 19.37 -4.02 4.78
N ARG B 13 18.46 -3.63 3.90
CA ARG B 13 17.19 -4.34 3.72
C ARG B 13 17.16 -4.97 2.34
N ASN B 14 17.05 -6.29 2.30
CA ASN B 14 17.26 -7.01 1.06
C ASN B 14 16.18 -8.03 0.76
N TYR B 15 15.59 -7.89 -0.43
CA TYR B 15 14.77 -8.93 -1.03
C TYR B 15 15.70 -10.04 -1.54
N ARG B 16 16.86 -9.64 -2.06
CA ARG B 16 17.84 -10.58 -2.58
C ARG B 16 18.98 -10.69 -1.58
N HIS B 17 19.27 -11.91 -1.14
CA HIS B 17 20.35 -12.12 -0.19
C HIS B 17 21.61 -11.39 -0.73
N PRO B 18 22.24 -10.55 0.10
CA PRO B 18 23.36 -9.74 -0.37
C PRO B 18 24.65 -10.51 -0.68
N ILE B 19 24.74 -11.75 -0.22
CA ILE B 19 25.95 -12.55 -0.47
C ILE B 19 25.74 -13.66 -1.50
N SER B 20 24.64 -14.39 -1.39
CA SER B 20 24.36 -15.48 -2.32
C SER B 20 23.68 -15.02 -3.60
N GLY B 21 23.10 -13.82 -3.58
CA GLY B 21 22.28 -13.34 -4.71
C GLY B 21 20.96 -14.09 -4.91
N GLN B 22 20.57 -14.90 -3.93
CA GLN B 22 19.34 -15.69 -4.03
C GLN B 22 18.14 -14.99 -3.39
N ILE B 23 16.97 -15.15 -4.02
CA ILE B 23 15.69 -14.70 -3.46
C ILE B 23 14.91 -15.93 -2.97
N GLU B 24 14.55 -15.92 -1.68
CA GLU B 24 13.78 -17.01 -1.09
C GLU B 24 12.28 -16.75 -1.11
N ASP B 25 11.89 -15.48 -1.10
CA ASP B 25 10.48 -15.14 -1.23
C ASP B 25 9.91 -15.78 -2.49
N SER B 26 8.69 -16.30 -2.39
CA SER B 26 8.04 -17.00 -3.50
C SER B 26 7.74 -16.12 -4.72
N GLY B 27 7.89 -14.81 -4.56
CA GLY B 27 7.79 -13.87 -5.68
C GLY B 27 8.90 -14.10 -6.71
N GLY B 28 10.07 -14.53 -6.24
CA GLY B 28 11.19 -14.89 -7.11
C GLY B 28 11.85 -13.75 -7.88
N GLU B 29 12.62 -14.12 -8.91
CA GLU B 29 13.42 -13.17 -9.69
C GLU B 29 12.58 -12.15 -10.43
N HIS B 30 11.42 -12.57 -10.95
CA HIS B 30 10.55 -11.70 -11.73
C HIS B 30 9.86 -10.62 -10.89
N SER B 31 9.89 -10.79 -9.56
CA SER B 31 9.23 -9.84 -8.65
C SER B 31 10.20 -8.95 -7.88
N PHE B 32 11.46 -8.89 -8.31
CA PHE B 32 12.49 -8.18 -7.53
C PHE B 32 12.13 -6.72 -7.21
N ASP B 33 11.66 -5.97 -8.19
CA ASP B 33 11.40 -4.55 -7.98
C ASP B 33 10.35 -4.32 -6.92
N ILE B 34 9.22 -5.02 -7.03
CA ILE B 34 8.16 -4.86 -6.03
C ILE B 34 8.59 -5.44 -4.67
N GLY B 35 9.29 -6.57 -4.71
CA GLY B 35 9.75 -7.23 -3.50
C GLY B 35 10.67 -6.33 -2.69
N GLN B 36 11.64 -5.71 -3.36
CA GLN B 36 12.63 -4.84 -2.72
C GLN B 36 11.97 -3.59 -2.13
N GLY B 37 11.01 -3.03 -2.86
CA GLY B 37 10.25 -1.87 -2.37
C GLY B 37 9.31 -2.23 -1.21
N MET B 38 8.83 -3.46 -1.21
CA MET B 38 8.01 -3.96 -0.09
C MET B 38 8.84 -4.06 1.17
N VAL B 39 10.07 -4.59 1.06
CA VAL B 39 10.96 -4.68 2.22
C VAL B 39 11.32 -3.28 2.74
N GLU B 40 11.57 -2.35 1.81
CA GLU B 40 11.92 -0.97 2.16
C GLU B 40 10.71 -0.23 2.78
N GLY B 41 9.51 -0.46 2.24
CA GLY B 41 8.30 0.10 2.82
C GLY B 41 7.97 -0.44 4.20
N THR B 42 8.38 -1.69 4.46
CA THR B 42 8.03 -2.38 5.69
C THR B 42 9.02 -2.13 6.83
N VAL B 43 10.31 -2.12 6.49
CA VAL B 43 11.35 -1.96 7.50
C VAL B 43 11.96 -0.55 7.40
N TYR B 44 11.99 0.15 8.53
CA TYR B 44 12.56 1.48 8.63
C TYR B 44 14.06 1.44 8.39
N SER B 45 14.58 2.47 7.72
CA SER B 45 15.99 2.49 7.36
C SER B 45 16.93 2.69 8.54
N ASP B 46 16.50 3.42 9.56
CA ASP B 46 17.36 3.66 10.73
C ASP B 46 17.15 2.60 11.80
N ALA B 47 18.26 2.04 12.28
CA ALA B 47 18.26 0.99 13.28
C ALA B 47 19.21 1.35 14.41
N MET B 48 19.19 0.55 15.47
CA MET B 48 20.10 0.74 16.59
C MET B 48 20.93 -0.52 16.77
N LEU B 49 22.23 -0.34 16.94
CA LEU B 49 23.15 -1.45 17.18
C LEU B 49 23.88 -1.26 18.51
N GLU B 50 23.67 -2.20 19.42
CA GLU B 50 24.29 -2.17 20.74
C GLU B 50 25.38 -3.22 20.82
N VAL B 51 26.55 -2.81 21.32
CA VAL B 51 27.68 -3.72 21.51
C VAL B 51 28.27 -3.53 22.91
N SER B 52 28.19 -4.57 23.73
CA SER B 52 28.76 -4.52 25.09
C SER B 52 30.25 -4.79 25.03
N ASP B 53 31.00 -4.26 26.00
CA ASP B 53 32.45 -4.47 26.05
C ASP B 53 32.84 -5.94 26.18
N ALA B 54 31.98 -6.72 26.83
CA ALA B 54 32.10 -8.18 26.81
C ALA B 54 31.91 -8.74 25.40
N GLY B 55 31.35 -7.93 24.50
CA GLY B 55 31.18 -8.31 23.09
C GLY B 55 29.83 -8.88 22.70
N LYS B 56 28.81 -8.71 23.54
CA LYS B 56 27.46 -9.10 23.15
C LYS B 56 26.91 -8.05 22.19
N ILE B 57 26.16 -8.49 21.18
CA ILE B 57 25.65 -7.59 20.15
C ILE B 57 24.12 -7.72 20.02
N VAL B 58 23.43 -6.59 20.03
CA VAL B 58 21.97 -6.58 19.79
C VAL B 58 21.60 -5.55 18.73
N LEU B 59 20.92 -6.00 17.68
CA LEU B 59 20.39 -5.12 16.63
C LEU B 59 18.89 -4.93 16.80
N THR B 60 18.46 -3.67 16.89
CA THR B 60 17.03 -3.36 16.95
C THR B 60 16.59 -2.65 15.68
N PHE B 61 15.61 -3.22 14.99
CA PHE B 61 15.03 -2.58 13.83
C PHE B 61 13.53 -2.31 14.05
N ARG B 62 13.00 -1.38 13.28
CA ARG B 62 11.60 -0.98 13.38
C ARG B 62 10.81 -1.45 12.19
N MET B 63 9.69 -2.12 12.47
CA MET B 63 8.83 -2.71 11.48
C MET B 63 7.52 -1.92 11.40
N SER B 64 7.21 -1.40 10.22
CA SER B 64 5.90 -0.79 9.95
C SER B 64 4.89 -1.88 9.57
N LEU B 65 3.62 -1.50 9.47
CA LEU B 65 2.57 -2.36 8.90
C LEU B 65 2.24 -3.61 9.73
N ALA B 66 2.55 -3.56 11.03
CA ALA B 66 2.35 -4.70 11.93
C ALA B 66 0.88 -5.09 12.09
N ASP B 67 -0.04 -4.18 11.77
CA ASP B 67 -1.46 -4.49 11.80
C ASP B 67 -1.87 -5.42 10.66
N TYR B 68 -0.97 -5.61 9.69
CA TYR B 68 -1.25 -6.36 8.47
C TYR B 68 -0.42 -7.65 8.33
N SER B 69 0.37 -7.95 9.37
CA SER B 69 1.25 -9.10 9.33
C SER B 69 1.34 -9.78 10.69
N GLY B 70 1.99 -10.95 10.72
CA GLY B 70 2.22 -11.65 11.97
C GLY B 70 2.96 -12.96 11.74
N ASN B 71 2.96 -13.82 12.76
CA ASN B 71 3.72 -15.07 12.74
C ASN B 71 5.19 -14.81 12.42
N TYR B 72 5.77 -13.79 13.06
CA TYR B 72 7.16 -13.42 12.81
C TYR B 72 8.09 -14.52 13.26
N GLN B 73 9.05 -14.84 12.39
CA GLN B 73 10.13 -15.77 12.72
C GLN B 73 11.42 -15.23 12.15
N PHE B 74 12.52 -15.47 12.86
CA PHE B 74 13.82 -14.97 12.46
C PHE B 74 14.89 -16.05 12.59
N TRP B 75 15.88 -15.95 11.71
CA TRP B 75 17.04 -16.82 11.73
C TRP B 75 18.28 -15.97 11.65
N ILE B 76 19.41 -16.52 12.08
CA ILE B 76 20.67 -15.81 12.06
C ILE B 76 21.68 -16.58 11.21
N GLN B 77 22.49 -15.84 10.44
CA GLN B 77 23.51 -16.43 9.60
C GLN B 77 24.84 -15.74 9.91
N PRO B 78 25.63 -16.34 10.83
CA PRO B 78 26.94 -15.76 11.18
C PRO B 78 27.81 -15.56 9.94
N GLY B 79 28.39 -14.37 9.81
CA GLY B 79 29.24 -14.04 8.66
C GLY B 79 28.53 -13.91 7.32
N GLY B 80 27.22 -14.13 7.30
CA GLY B 80 26.44 -14.06 6.07
C GLY B 80 26.58 -15.24 5.13
N THR B 81 27.18 -16.32 5.64
CA THR B 81 27.32 -17.57 4.88
C THR B 81 26.95 -18.73 5.79
N GLY B 82 26.71 -19.89 5.18
CA GLY B 82 26.38 -21.09 5.93
C GLY B 82 24.90 -21.22 6.21
N SER B 83 24.55 -22.12 7.12
CA SER B 83 23.17 -22.41 7.45
C SER B 83 22.52 -21.29 8.25
N PHE B 84 21.21 -21.16 8.12
CA PHE B 84 20.44 -20.27 8.95
C PHE B 84 20.06 -20.99 10.24
N GLN B 85 20.36 -20.37 11.37
CA GLN B 85 20.00 -20.89 12.68
C GLN B 85 18.82 -20.09 13.23
N ALA B 86 17.78 -20.77 13.71
CA ALA B 86 16.66 -20.08 14.34
C ALA B 86 17.16 -19.24 15.51
N VAL B 87 16.60 -18.04 15.66
CA VAL B 87 17.00 -17.14 16.75
C VAL B 87 15.74 -16.55 17.41
N ASP B 88 15.82 -16.30 18.72
CA ASP B 88 14.76 -15.60 19.44
C ASP B 88 14.71 -14.12 19.04
N TYR B 89 13.57 -13.49 19.28
CA TYR B 89 13.48 -12.05 19.15
C TYR B 89 12.65 -11.51 20.29
N ASN B 90 12.84 -10.24 20.61
CA ASN B 90 12.01 -9.55 21.56
C ASN B 90 11.47 -8.26 20.95
N ILE B 91 10.19 -8.00 21.18
CA ILE B 91 9.58 -6.71 20.85
C ILE B 91 9.82 -5.85 22.06
N THR B 92 10.71 -4.87 21.91
CA THR B 92 11.16 -4.06 23.03
C THR B 92 10.37 -2.75 23.15
N GLN B 93 9.58 -2.42 22.13
CA GLN B 93 8.74 -1.23 22.12
C GLN B 93 7.74 -1.32 20.98
N LYS B 94 6.55 -0.75 21.19
CA LYS B 94 5.56 -0.57 20.12
C LYS B 94 5.38 0.92 19.90
N GLY B 95 5.06 1.29 18.67
CA GLY B 95 4.79 2.68 18.34
C GLY B 95 3.71 2.77 17.30
N THR B 96 3.60 3.94 16.66
CA THR B 96 2.55 4.18 15.67
C THR B 96 3.08 5.05 14.55
N ASP B 97 2.71 4.70 13.33
CA ASP B 97 2.95 5.55 12.17
C ASP B 97 1.67 5.65 11.33
N THR B 98 1.76 6.23 10.13
CA THR B 98 0.56 6.45 9.31
C THR B 98 -0.16 5.15 8.91
N ASN B 99 0.51 4.01 9.09
CA ASN B 99 -0.06 2.70 8.78
C ASN B 99 -0.53 1.91 10.01
N GLY B 100 -0.41 2.51 11.19
CA GLY B 100 -0.85 1.87 12.44
C GLY B 100 0.33 1.45 13.31
N THR B 101 0.17 0.31 13.97
CA THR B 101 1.19 -0.23 14.87
C THR B 101 2.54 -0.42 14.20
N THR B 102 3.60 0.05 14.85
CA THR B 102 4.96 -0.32 14.50
C THR B 102 5.53 -1.19 15.62
N LEU B 103 6.48 -2.05 15.30
CA LEU B 103 7.17 -2.85 16.33
C LEU B 103 8.68 -2.68 16.26
N ASP B 104 9.30 -2.48 17.42
CA ASP B 104 10.78 -2.54 17.53
C ASP B 104 11.20 -3.95 17.90
N ILE B 105 11.96 -4.57 17.01
CA ILE B 105 12.36 -5.96 17.19
C ILE B 105 13.89 -6.05 17.39
N ALA B 106 14.27 -6.63 18.53
CA ALA B 106 15.65 -6.74 18.95
C ALA B 106 16.10 -8.19 18.80
N ILE B 107 17.23 -8.36 18.14
CA ILE B 107 17.82 -9.69 17.88
C ILE B 107 19.33 -9.72 18.22
N SER B 108 19.72 -10.71 19.03
CA SER B 108 21.14 -10.95 19.33
C SER B 108 21.88 -11.48 18.10
N LEU B 109 23.00 -10.84 17.78
CA LEU B 109 23.89 -11.25 16.69
C LEU B 109 25.19 -11.82 17.25
N PRO B 110 25.72 -12.89 16.63
CA PRO B 110 27.07 -13.39 17.00
C PRO B 110 28.17 -12.43 16.57
N THR B 111 28.00 -11.83 15.40
CA THR B 111 28.98 -10.92 14.81
C THR B 111 28.19 -9.75 14.22
N VAL B 112 28.85 -8.60 14.04
CA VAL B 112 28.17 -7.46 13.44
C VAL B 112 27.78 -7.69 11.96
N ASN B 113 28.50 -8.55 11.25
CA ASN B 113 28.17 -8.84 9.85
C ASN B 113 27.21 -10.03 9.65
N SER B 114 26.52 -10.42 10.72
CA SER B 114 25.53 -11.50 10.63
C SER B 114 24.31 -11.05 9.84
N ILE B 115 23.81 -11.93 8.99
CA ILE B 115 22.55 -11.67 8.30
C ILE B 115 21.40 -12.25 9.11
N ILE B 116 20.32 -11.47 9.17
CA ILE B 116 19.05 -11.90 9.72
C ILE B 116 18.11 -12.25 8.57
N ARG B 117 17.53 -13.43 8.64
CA ARG B 117 16.49 -13.86 7.72
C ARG B 117 15.18 -13.75 8.49
N GLY B 118 14.20 -13.11 7.89
CA GLY B 118 12.88 -12.97 8.51
C GLY B 118 11.79 -13.54 7.61
N SER B 119 10.80 -14.19 8.22
CA SER B 119 9.60 -14.57 7.49
C SER B 119 8.39 -14.18 8.32
N MET B 120 7.29 -13.91 7.63
CA MET B 120 6.05 -13.49 8.27
C MET B 120 4.90 -13.62 7.27
N PHE B 121 3.69 -13.81 7.78
CA PHE B 121 2.49 -13.87 6.95
C PHE B 121 1.96 -12.44 6.78
N VAL B 122 1.61 -12.10 5.55
CA VAL B 122 1.08 -10.78 5.23
C VAL B 122 -0.35 -10.96 4.76
N GLU B 123 -1.28 -10.48 5.59
CA GLU B 123 -2.72 -10.72 5.38
CA GLU B 123 -2.71 -10.73 5.38
C GLU B 123 -3.23 -10.22 4.03
N PRO B 124 -2.99 -8.94 3.68
CA PRO B 124 -3.50 -8.53 2.36
C PRO B 124 -2.85 -9.21 1.15
N MET B 125 -1.65 -9.75 1.32
CA MET B 125 -1.00 -10.56 0.29
C MET B 125 -1.50 -12.00 0.23
N GLY B 126 -2.13 -12.46 1.31
CA GLY B 126 -2.58 -13.86 1.42
C GLY B 126 -1.43 -14.88 1.35
N ARG B 127 -0.24 -14.49 1.80
CA ARG B 127 0.93 -15.38 1.74
C ARG B 127 2.06 -14.92 2.63
N GLU B 128 2.99 -15.84 2.91
CA GLU B 128 4.17 -15.48 3.66
C GLU B 128 5.23 -14.91 2.74
N VAL B 129 6.10 -14.09 3.34
CA VAL B 129 7.21 -13.42 2.68
C VAL B 129 8.51 -13.70 3.44
N VAL B 130 9.64 -13.64 2.74
CA VAL B 130 10.95 -13.89 3.32
C VAL B 130 11.88 -12.78 2.85
N PHE B 131 12.63 -12.18 3.79
CA PHE B 131 13.54 -11.06 3.50
C PHE B 131 14.78 -11.09 4.40
N TYR B 132 15.79 -10.29 4.05
CA TYR B 132 17.05 -10.25 4.81
C TYR B 132 17.35 -8.87 5.35
N LEU B 133 17.90 -8.85 6.57
CA LEU B 133 18.36 -7.65 7.22
C LEU B 133 19.78 -7.86 7.72
N SER B 134 20.54 -6.77 7.78
CA SER B 134 21.89 -6.78 8.36
C SER B 134 22.31 -5.35 8.66
N ALA B 135 23.21 -5.20 9.63
CA ALA B 135 23.72 -3.90 10.03
C ALA B 135 24.55 -3.28 8.91
N SER B 136 24.49 -1.95 8.80
CA SER B 136 25.43 -1.19 7.96
C SER B 136 26.87 -1.50 8.37
N GLU B 137 27.79 -1.39 7.41
CA GLU B 137 29.22 -1.44 7.71
C GLU B 137 29.65 -0.19 8.46
N LEU B 138 28.89 0.88 8.28
CA LEU B 138 29.18 2.17 8.90
C LEU B 138 28.48 2.37 10.24
N ILE B 139 29.20 2.96 11.18
CA ILE B 139 28.61 3.32 12.47
C ILE B 139 28.42 4.84 12.58
N GLN B 140 27.42 5.23 13.35
CA GLN B 140 27.14 6.64 13.63
C GLN B 140 26.66 6.76 15.08
N LYS B 141 26.63 7.98 15.60
CA LYS B 141 26.07 8.22 16.93
C LYS B 141 24.58 7.94 16.88
N TYR B 142 24.05 7.18 17.84
CA TYR B 142 22.61 6.89 17.83
C TYR B 142 21.75 8.10 18.25
N SER B 143 20.79 8.45 17.38
CA SER B 143 19.72 9.39 17.71
C SER B 143 18.38 8.77 17.34
N GLY B 144 17.42 8.84 18.26
CA GLY B 144 16.12 8.22 18.05
C GLY B 144 15.52 7.72 19.35
N ASN B 145 14.44 6.95 19.25
CA ASN B 145 13.64 6.56 20.42
C ASN B 145 13.60 5.06 20.69
N MET B 146 14.51 4.31 20.09
CA MET B 146 14.62 2.88 20.36
C MET B 146 15.19 2.68 21.76
N LEU B 147 14.75 1.61 22.42
CA LEU B 147 15.12 1.37 23.82
C LEU B 147 16.22 0.33 23.91
N ALA B 148 17.33 0.72 24.53
CA ALA B 148 18.50 -0.14 24.65
C ALA B 148 18.26 -1.29 25.61
N GLN B 149 18.63 -2.49 25.18
CA GLN B 149 18.36 -3.72 25.93
C GLN B 149 19.59 -4.25 26.63
N LEU B 150 20.75 -3.82 26.17
CA LEU B 150 22.00 -4.42 26.58
C LEU B 150 22.92 -3.39 27.22
N VAL B 151 23.04 -2.24 26.55
CA VAL B 151 24.11 -1.29 26.86
C VAL B 151 23.72 -0.08 27.70
N THR B 152 24.47 0.06 28.80
CA THR B 152 24.78 1.30 29.55
C THR B 152 24.59 1.14 31.06
#